data_4LMB
#
_entry.id   4LMB
#
_cell.length_a   99.846
_cell.length_b   99.846
_cell.length_c   164.141
_cell.angle_alpha   90.00
_cell.angle_beta   90.00
_cell.angle_gamma   120.00
#
_symmetry.space_group_name_H-M   'P 65 2 2'
#
loop_
_entity.id
_entity.type
_entity.pdbx_description
1 polymer 'Cysteine synthase'
2 non-polymer CYSTEINE
3 non-polymer "PYRIDOXAL-5'-PHOSPHATE"
4 water water
#
_entity_poly.entity_id   1
_entity_poly.type   'polypeptide(L)'
_entity_poly.pdbx_seq_one_letter_code
;MHHHHHHMLIARDITQLVGRTPLVQLNRIPVAEGVKARIVVKLESMNPAASVKDRIGVSMVEDAEAAGLIHPDKTILVEP
TSGNTGIALAMVAAAKGYRLVLTMPETMSLERRAMLKAYGAQLELTPGSQGMEGAITRAEEIVENTPNAYSLQQFRNPAN
PKIHRETTAEEIWADTDGLVDIVIGGVGTGGTITGIAETIKPRRPQFQAIAVEPSNSPVLSGGQPGPHKIQGIGAGFIPA
IFRPELIDEVIIVDDTEAFAYARRLARQEGLLSGISAGAALWAAIQVGKRPENEDKLIVMIQPSFGERYLSTALFKDLED
ID
;
_entity_poly.pdbx_strand_id   A
#
loop_
_chem_comp.id
_chem_comp.type
_chem_comp.name
_chem_comp.formula
PLP non-polymer PYRIDOXAL-5'-PHOSPHATE 'C8 H10 N O6 P'
#
# COMPACT_ATOMS: atom_id res chain seq x y z
N MET A 8 7.85 -31.09 7.63
CA MET A 8 6.77 -30.26 8.22
C MET A 8 6.81 -28.81 7.72
N LEU A 9 5.65 -28.32 7.25
CA LEU A 9 5.52 -26.92 6.80
C LEU A 9 4.86 -26.09 7.91
N ILE A 10 5.66 -25.71 8.89
CA ILE A 10 5.17 -24.95 10.02
C ILE A 10 6.02 -23.71 10.09
N ALA A 11 5.40 -22.53 9.90
CA ALA A 11 6.16 -21.28 9.95
C ALA A 11 6.73 -21.02 11.34
N ARG A 12 7.93 -20.44 11.39
CA ARG A 12 8.55 -20.11 12.67
C ARG A 12 7.73 -19.07 13.45
N ASP A 13 7.21 -18.09 12.71
CA ASP A 13 6.38 -17.03 13.28
C ASP A 13 5.63 -16.35 12.14
N ILE A 14 4.76 -15.39 12.49
CA ILE A 14 3.84 -14.76 11.54
C ILE A 14 4.58 -14.02 10.42
N THR A 15 5.80 -13.54 10.71
CA THR A 15 6.57 -12.78 9.72
C THR A 15 6.99 -13.62 8.51
N GLN A 16 6.97 -14.95 8.66
CA GLN A 16 7.33 -15.82 7.54
CA GLN A 16 7.31 -15.90 7.60
C GLN A 16 6.10 -16.21 6.71
N LEU A 17 4.95 -15.59 7.01
CA LEU A 17 3.73 -15.89 6.28
C LEU A 17 3.17 -14.71 5.52
N VAL A 18 3.96 -13.66 5.33
CA VAL A 18 3.50 -12.45 4.60
C VAL A 18 3.70 -12.62 3.08
N GLY A 19 2.96 -11.85 2.28
CA GLY A 19 3.06 -11.93 0.81
C GLY A 19 2.46 -13.19 0.23
N ARG A 20 2.97 -13.62 -0.93
CA ARG A 20 2.46 -14.78 -1.70
C ARG A 20 0.93 -14.72 -1.84
N THR A 21 0.45 -13.57 -2.28
CA THR A 21 -0.98 -13.30 -2.37
C THR A 21 -1.51 -13.67 -3.76
N PRO A 22 -2.81 -14.01 -3.86
CA PRO A 22 -3.26 -14.56 -5.15
C PRO A 22 -3.82 -13.49 -6.11
N LEU A 23 -3.94 -13.85 -7.38
CA LEU A 23 -4.69 -13.04 -8.33
C LEU A 23 -6.09 -13.60 -8.50
N VAL A 24 -7.05 -12.73 -8.76
CA VAL A 24 -8.45 -13.12 -9.00
C VAL A 24 -9.01 -12.30 -10.18
N GLN A 25 -9.74 -12.94 -11.10
CA GLN A 25 -10.34 -12.14 -12.17
C GLN A 25 -11.59 -11.41 -11.66
N LEU A 26 -11.96 -10.35 -12.36
CA LEU A 26 -13.20 -9.66 -12.09
C LEU A 26 -14.24 -10.19 -13.06
N ASN A 27 -15.47 -10.36 -12.59
CA ASN A 27 -16.51 -11.03 -13.39
C ASN A 27 -17.70 -10.18 -13.79
N ARG A 28 -17.84 -9.02 -13.18
CA ARG A 28 -19.02 -8.18 -13.42
C ARG A 28 -18.66 -6.76 -13.82
N ILE A 29 -17.76 -6.14 -13.06
CA ILE A 29 -17.50 -4.70 -13.21
C ILE A 29 -16.94 -4.33 -14.60
N PRO A 30 -15.95 -5.08 -15.10
CA PRO A 30 -15.39 -4.71 -16.41
C PRO A 30 -16.42 -4.74 -17.56
N VAL A 31 -17.21 -5.81 -17.65
CA VAL A 31 -18.23 -5.88 -18.70
C VAL A 31 -19.26 -4.76 -18.54
N ALA A 32 -19.62 -4.45 -17.29
CA ALA A 32 -20.58 -3.38 -17.05
C ALA A 32 -20.04 -2.04 -17.58
N GLU A 33 -18.73 -1.86 -17.51
CA GLU A 33 -18.14 -0.59 -17.95
C GLU A 33 -17.60 -0.62 -19.37
N GLY A 34 -17.82 -1.73 -20.08
CA GLY A 34 -17.38 -1.87 -21.48
C GLY A 34 -15.88 -2.05 -21.66
N VAL A 35 -15.22 -2.59 -20.64
CA VAL A 35 -13.77 -2.78 -20.67
C VAL A 35 -13.38 -3.82 -21.73
N LYS A 36 -12.39 -3.48 -22.56
CA LYS A 36 -11.94 -4.38 -23.63
C LYS A 36 -10.70 -5.20 -23.22
N ALA A 37 -10.01 -4.76 -22.18
CA ALA A 37 -8.89 -5.51 -21.62
C ALA A 37 -9.38 -6.55 -20.60
N ARG A 38 -8.45 -7.35 -20.10
CA ARG A 38 -8.74 -8.28 -19.02
C ARG A 38 -8.15 -7.72 -17.72
N ILE A 39 -9.00 -7.39 -16.77
CA ILE A 39 -8.54 -6.82 -15.49
C ILE A 39 -8.58 -7.90 -14.40
N VAL A 40 -7.43 -8.14 -13.77
CA VAL A 40 -7.35 -9.06 -12.63
C VAL A 40 -6.81 -8.30 -11.42
N VAL A 41 -7.07 -8.81 -10.22
CA VAL A 41 -6.74 -8.10 -8.99
C VAL A 41 -5.76 -8.91 -8.17
N LYS A 42 -4.68 -8.27 -7.71
CA LYS A 42 -3.78 -8.91 -6.74
C LYS A 42 -4.29 -8.55 -5.34
N LEU A 43 -4.63 -9.58 -4.58
CA LEU A 43 -5.34 -9.42 -3.30
C LEU A 43 -4.38 -9.25 -2.11
N GLU A 44 -3.92 -8.03 -1.87
CA GLU A 44 -3.02 -7.77 -0.72
C GLU A 44 -3.82 -7.76 0.59
N SER A 45 -5.15 -7.78 0.46
CA SER A 45 -6.04 -8.06 1.58
C SER A 45 -5.77 -9.41 2.26
N MET A 46 -5.08 -10.33 1.60
CA MET A 46 -4.86 -11.67 2.16
C MET A 46 -3.52 -11.85 2.92
N ASN A 47 -2.74 -10.77 3.05
CA ASN A 47 -1.64 -10.75 4.01
C ASN A 47 -2.19 -10.98 5.42
N PRO A 48 -1.35 -11.46 6.36
CA PRO A 48 -1.83 -11.77 7.72
C PRO A 48 -2.58 -10.62 8.41
N ALA A 49 -2.11 -9.40 8.27
CA ALA A 49 -2.81 -8.26 8.88
C ALA A 49 -3.54 -7.44 7.83
N ALA A 50 -3.84 -8.10 6.71
CA ALA A 50 -4.83 -7.64 5.73
C ALA A 50 -4.48 -6.38 4.93
N SER A 51 -3.17 -6.09 4.81
CA SER A 51 -2.73 -5.11 3.81
C SER A 51 -1.35 -5.46 3.27
N VAL A 52 -1.05 -4.84 2.13
CA VAL A 52 0.24 -4.94 1.45
C VAL A 52 1.41 -4.58 2.37
N LYS A 53 1.16 -3.76 3.39
CA LYS A 53 2.26 -3.28 4.26
C LYS A 53 2.92 -4.37 5.08
N ASP A 54 2.25 -5.50 5.32
CA ASP A 54 2.90 -6.62 6.01
C ASP A 54 4.27 -6.93 5.38
N ARG A 55 4.34 -6.83 4.05
CA ARG A 55 5.58 -7.13 3.34
C ARG A 55 6.75 -6.23 3.79
N ILE A 56 6.48 -4.94 3.90
CA ILE A 56 7.54 -3.98 4.24
C ILE A 56 7.79 -3.92 5.75
N GLY A 57 6.78 -4.23 6.55
CA GLY A 57 6.99 -4.30 8.00
C GLY A 57 8.07 -5.33 8.28
N VAL A 58 7.94 -6.48 7.63
CA VAL A 58 8.89 -7.58 7.77
C VAL A 58 10.26 -7.21 7.15
N SER A 59 10.25 -6.72 5.91
CA SER A 59 11.54 -6.48 5.21
C SER A 59 12.37 -5.38 5.88
N MET A 60 11.72 -4.30 6.29
CA MET A 60 12.44 -3.18 6.90
C MET A 60 13.05 -3.59 8.24
N VAL A 61 12.26 -4.28 9.07
CA VAL A 61 12.76 -4.78 10.36
C VAL A 61 13.89 -5.81 10.19
N GLU A 62 13.73 -6.78 9.28
CA GLU A 62 14.77 -7.78 9.07
C GLU A 62 16.07 -7.14 8.58
N ASP A 63 15.95 -6.17 7.69
CA ASP A 63 17.12 -5.46 7.12
C ASP A 63 17.89 -4.70 8.21
N ALA A 64 17.16 -3.99 9.07
CA ALA A 64 17.78 -3.20 10.15
C ALA A 64 18.41 -4.11 11.22
N GLU A 65 17.71 -5.20 11.56
CA GLU A 65 18.25 -6.21 12.48
C GLU A 65 19.53 -6.83 11.95
N ALA A 66 19.52 -7.18 10.67
CA ALA A 66 20.67 -7.88 10.08
C ALA A 66 21.89 -6.98 10.12
N ALA A 67 21.69 -5.68 9.90
CA ALA A 67 22.81 -4.73 9.95
C ALA A 67 23.20 -4.32 11.38
N GLY A 68 22.49 -4.86 12.37
CA GLY A 68 22.79 -4.57 13.78
C GLY A 68 22.33 -3.20 14.23
N LEU A 69 21.37 -2.62 13.50
CA LEU A 69 20.93 -1.25 13.77
C LEU A 69 19.83 -1.14 14.80
N ILE A 70 19.10 -2.23 15.01
CA ILE A 70 18.02 -2.27 16.00
C ILE A 70 18.13 -3.57 16.77
N HIS A 71 17.56 -3.58 17.98
CA HIS A 71 17.52 -4.78 18.79
C HIS A 71 16.31 -4.70 19.68
N PRO A 72 15.59 -5.82 19.83
CA PRO A 72 14.34 -5.79 20.61
C PRO A 72 14.50 -5.34 22.06
N ASP A 73 15.67 -5.55 22.65
CA ASP A 73 15.82 -5.25 24.06
C ASP A 73 16.05 -3.76 24.34
N LYS A 74 16.28 -2.96 23.30
CA LYS A 74 16.59 -1.55 23.52
C LYS A 74 15.93 -0.55 22.57
N THR A 75 15.70 -0.94 21.33
CA THR A 75 15.17 0.01 20.34
C THR A 75 13.71 0.34 20.57
N ILE A 76 13.39 1.63 20.54
CA ILE A 76 12.00 2.05 20.42
C ILE A 76 11.77 2.40 18.96
N LEU A 77 11.05 1.54 18.24
CA LEU A 77 10.67 1.84 16.85
C LEU A 77 9.64 2.96 16.81
N VAL A 78 9.80 3.88 15.87
CA VAL A 78 8.91 5.03 15.75
C VAL A 78 8.64 5.22 14.27
N GLU A 79 7.36 5.33 13.89
CA GLU A 79 7.01 5.46 12.48
C GLU A 79 5.75 6.27 12.28
N PRO A 80 5.81 7.27 11.39
CA PRO A 80 4.60 7.97 11.02
C PRO A 80 3.85 7.12 9.99
N THR A 81 2.53 7.10 10.05
CA THR A 81 1.78 6.15 9.21
C THR A 81 0.38 6.68 8.94
N SER A 82 -0.20 6.25 7.82
CA SER A 82 -1.64 6.46 7.57
C SER A 82 -2.44 5.28 8.12
N GLY A 83 -1.74 4.32 8.71
CA GLY A 83 -2.42 3.19 9.35
C GLY A 83 -1.79 1.84 9.07
N ASN A 84 -1.74 1.44 7.80
CA ASN A 84 -1.30 0.08 7.47
C ASN A 84 0.16 -0.23 7.77
N THR A 85 1.08 0.68 7.47
CA THR A 85 2.46 0.42 7.86
C THR A 85 2.55 0.29 9.37
N GLY A 86 1.85 1.15 10.09
CA GLY A 86 1.85 1.04 11.56
C GLY A 86 1.35 -0.33 12.02
N ILE A 87 0.29 -0.82 11.39
CA ILE A 87 -0.26 -2.13 11.77
C ILE A 87 0.67 -3.28 11.46
N ALA A 88 1.30 -3.25 10.28
CA ALA A 88 2.28 -4.24 9.89
C ALA A 88 3.42 -4.24 10.89
N LEU A 89 3.96 -3.07 11.21
CA LEU A 89 5.05 -3.00 12.20
C LEU A 89 4.58 -3.43 13.59
N ALA A 90 3.35 -3.09 13.95
CA ALA A 90 2.80 -3.50 15.26
C ALA A 90 2.72 -5.03 15.36
N MET A 91 2.32 -5.68 14.27
CA MET A 91 2.29 -7.17 14.26
C MET A 91 3.72 -7.71 14.40
N VAL A 92 4.63 -7.18 13.59
CA VAL A 92 6.04 -7.60 13.66
C VAL A 92 6.64 -7.39 15.04
N ALA A 93 6.34 -6.21 15.60
CA ALA A 93 6.85 -5.79 16.91
C ALA A 93 6.34 -6.71 18.00
N ALA A 94 5.08 -7.12 17.89
CA ALA A 94 4.46 -8.01 18.87
C ALA A 94 5.11 -9.38 18.79
N ALA A 95 5.38 -9.85 17.57
CA ALA A 95 6.02 -11.15 17.40
C ALA A 95 7.45 -11.12 17.93
N LYS A 96 8.16 -10.02 17.67
CA LYS A 96 9.61 -9.97 17.96
C LYS A 96 10.01 -9.33 19.29
N GLY A 97 9.03 -8.72 19.95
CA GLY A 97 9.25 -8.05 21.22
C GLY A 97 9.83 -6.65 21.15
N TYR A 98 9.48 -5.88 20.12
CA TYR A 98 9.87 -4.47 20.06
C TYR A 98 8.80 -3.58 20.65
N ARG A 99 9.27 -2.54 21.33
CA ARG A 99 8.46 -1.38 21.64
C ARG A 99 8.28 -0.58 20.35
N LEU A 100 7.08 -0.06 20.13
CA LEU A 100 6.75 0.66 18.91
C LEU A 100 5.78 1.82 19.20
N VAL A 101 6.15 2.99 18.69
CA VAL A 101 5.32 4.20 18.78
C VAL A 101 4.94 4.62 17.34
N LEU A 102 3.63 4.82 17.11
CA LEU A 102 3.17 5.33 15.82
C LEU A 102 2.62 6.73 15.98
N THR A 103 2.91 7.58 14.99
CA THR A 103 2.18 8.83 14.82
C THR A 103 1.29 8.70 13.59
N MET A 104 0.06 9.16 13.72
CA MET A 104 -0.93 9.01 12.64
C MET A 104 -1.94 10.16 12.72
N PRO A 105 -2.31 10.74 11.56
CA PRO A 105 -3.31 11.81 11.57
C PRO A 105 -4.66 11.33 12.07
N GLU A 106 -5.39 12.19 12.76
CA GLU A 106 -6.68 11.81 13.33
C GLU A 106 -7.74 11.50 12.27
N THR A 107 -7.48 11.90 11.03
CA THR A 107 -8.40 11.67 9.91
C THR A 107 -8.48 10.20 9.44
N MET A 108 -7.52 9.37 9.85
CA MET A 108 -7.48 7.97 9.36
C MET A 108 -8.53 7.15 10.13
N SER A 109 -8.91 5.99 9.59
CA SER A 109 -10.08 5.27 10.11
C SER A 109 -9.89 4.86 11.57
N LEU A 110 -11.00 4.86 12.32
CA LEU A 110 -10.97 4.47 13.73
C LEU A 110 -10.41 3.06 13.93
N GLU A 111 -10.74 2.16 12.99
CA GLU A 111 -10.22 0.77 13.01
C GLU A 111 -8.70 0.71 13.08
N ARG A 112 -8.04 1.61 12.34
CA ARG A 112 -6.59 1.67 12.36
C ARG A 112 -6.07 1.94 13.77
N ARG A 113 -6.69 2.88 14.48
CA ARG A 113 -6.27 3.20 15.84
C ARG A 113 -6.41 1.97 16.73
N ALA A 114 -7.54 1.29 16.63
CA ALA A 114 -7.85 0.14 17.49
C ALA A 114 -6.94 -1.03 17.18
N MET A 115 -6.60 -1.21 15.90
CA MET A 115 -5.66 -2.26 15.48
C MET A 115 -4.29 -2.06 16.12
N LEU A 116 -3.79 -0.82 16.09
CA LEU A 116 -2.50 -0.51 16.69
C LEU A 116 -2.48 -0.85 18.17
N LYS A 117 -3.52 -0.45 18.89
CA LYS A 117 -3.61 -0.71 20.33
C LYS A 117 -3.79 -2.21 20.65
N ALA A 118 -4.55 -2.92 19.81
CA ALA A 118 -4.75 -4.36 19.99
C ALA A 118 -3.43 -5.13 19.97
N TYR A 119 -2.54 -4.78 19.04
CA TYR A 119 -1.20 -5.39 19.00
C TYR A 119 -0.24 -4.89 20.10
N GLY A 120 -0.69 -3.94 20.90
CA GLY A 120 0.12 -3.46 22.02
C GLY A 120 1.07 -2.32 21.68
N ALA A 121 0.90 -1.71 20.51
CA ALA A 121 1.74 -0.55 20.15
C ALA A 121 1.20 0.72 20.81
N GLN A 122 2.03 1.76 20.83
CA GLN A 122 1.65 3.06 21.39
C GLN A 122 1.32 3.97 20.21
N LEU A 123 0.29 4.77 20.37
CA LEU A 123 -0.17 5.62 19.28
C LEU A 123 -0.26 7.05 19.78
N GLU A 124 0.33 7.97 19.01
CA GLU A 124 0.05 9.37 19.20
C GLU A 124 -0.65 9.93 17.97
N LEU A 125 -1.88 10.40 18.14
CA LEU A 125 -2.60 10.99 17.02
C LEU A 125 -2.07 12.41 16.79
N THR A 126 -2.01 12.82 15.52
CA THR A 126 -1.57 14.19 15.17
C THR A 126 -2.74 14.91 14.46
N PRO A 127 -2.72 16.27 14.45
CA PRO A 127 -3.90 16.99 13.95
C PRO A 127 -4.25 16.67 12.49
N GLY A 128 -5.53 16.44 12.23
CA GLY A 128 -6.02 16.08 10.89
C GLY A 128 -5.66 17.10 9.84
N SER A 129 -5.72 18.38 10.22
CA SER A 129 -5.40 19.48 9.30
C SER A 129 -3.95 19.44 8.79
N GLN A 130 -3.06 18.83 9.57
CA GLN A 130 -1.64 18.76 9.19
C GLN A 130 -1.30 17.56 8.31
N GLY A 131 -2.23 16.60 8.23
CA GLY A 131 -2.06 15.43 7.38
C GLY A 131 -0.81 14.63 7.70
N MET A 132 -0.27 13.95 6.70
CA MET A 132 0.93 13.14 6.89
C MET A 132 2.15 13.96 7.33
N GLU A 133 2.25 15.19 6.83
CA GLU A 133 3.35 16.08 7.23
C GLU A 133 3.42 16.24 8.76
N GLY A 134 2.27 16.43 9.40
CA GLY A 134 2.21 16.50 10.86
C GLY A 134 2.69 15.23 11.54
N ALA A 135 2.29 14.09 11.00
CA ALA A 135 2.68 12.78 11.54
C ALA A 135 4.18 12.60 11.42
N ILE A 136 4.73 12.94 10.27
CA ILE A 136 6.17 12.79 9.99
C ILE A 136 6.98 13.71 10.91
N THR A 137 6.53 14.97 11.03
CA THR A 137 7.25 15.94 11.88
C THR A 137 7.32 15.46 13.33
N ARG A 138 6.21 14.98 13.87
CA ARG A 138 6.18 14.46 15.22
C ARG A 138 7.08 13.22 15.41
N ALA A 139 7.01 12.27 14.48
CA ALA A 139 7.91 11.11 14.52
C ALA A 139 9.37 11.52 14.50
N GLU A 140 9.71 12.50 13.66
CA GLU A 140 11.08 12.99 13.58
C GLU A 140 11.55 13.62 14.91
N GLU A 141 10.65 14.35 15.55
CA GLU A 141 10.90 14.97 16.86
C GLU A 141 11.17 13.91 17.95
N ILE A 142 10.34 12.87 17.97
CA ILE A 142 10.54 11.73 18.87
C ILE A 142 11.92 11.07 18.64
N VAL A 143 12.25 10.77 17.38
CA VAL A 143 13.51 10.08 17.06
C VAL A 143 14.74 10.93 17.41
N GLU A 144 14.67 12.23 17.14
CA GLU A 144 15.81 13.12 17.37
C GLU A 144 16.16 13.22 18.86
N ASN A 145 15.15 13.09 19.66
CA ASN A 145 15.17 13.42 21.03
C ASN A 145 15.30 12.27 22.00
N THR A 146 14.90 11.10 21.56
CA THR A 146 14.76 9.92 22.41
C THR A 146 15.91 8.95 22.22
N PRO A 147 16.66 8.64 23.30
CA PRO A 147 17.72 7.64 23.15
C PRO A 147 17.16 6.30 22.66
N ASN A 148 17.87 5.69 21.72
CA ASN A 148 17.52 4.39 21.16
C ASN A 148 16.22 4.37 20.34
N ALA A 149 15.64 5.53 20.08
CA ALA A 149 14.52 5.60 19.14
C ALA A 149 15.08 5.46 17.71
N TYR A 150 14.28 4.84 16.83
CA TYR A 150 14.77 4.50 15.52
C TYR A 150 13.58 4.46 14.59
N SER A 151 13.69 5.16 13.47
CA SER A 151 12.62 5.14 12.45
C SER A 151 13.10 4.41 11.22
N LEU A 152 12.35 3.40 10.83
CA LEU A 152 12.66 2.62 9.65
C LEU A 152 12.48 3.47 8.39
N GLN A 153 11.65 4.50 8.48
CA GLN A 153 11.51 5.54 7.45
C GLN A 153 10.96 4.96 6.12
N GLN A 154 9.67 4.65 6.13
CA GLN A 154 9.04 3.89 5.05
C GLN A 154 9.06 4.57 3.66
N PHE A 155 9.24 5.89 3.64
CA PHE A 155 9.28 6.67 2.39
C PHE A 155 10.67 6.68 1.75
N ARG A 156 11.67 6.18 2.48
CA ARG A 156 13.08 6.24 2.05
C ARG A 156 13.78 4.90 2.08
N ASN A 157 13.22 3.95 2.84
CA ASN A 157 13.94 2.71 3.11
C ASN A 157 14.00 1.85 1.88
N PRO A 158 15.23 1.54 1.41
CA PRO A 158 15.40 0.72 0.21
C PRO A 158 14.78 -0.67 0.34
N ALA A 159 14.60 -1.15 1.57
CA ALA A 159 14.01 -2.47 1.78
C ALA A 159 12.54 -2.51 1.34
N ASN A 160 11.91 -1.33 1.20
CA ASN A 160 10.53 -1.19 0.76
C ASN A 160 10.42 -1.61 -0.74
N PRO A 161 11.00 -0.82 -1.68
CA PRO A 161 10.97 -1.29 -3.08
C PRO A 161 11.63 -2.66 -3.27
N LYS A 162 12.68 -2.98 -2.50
CA LYS A 162 13.37 -4.27 -2.64
C LYS A 162 12.44 -5.44 -2.42
N ILE A 163 11.64 -5.39 -1.35
CA ILE A 163 10.80 -6.55 -1.06
C ILE A 163 9.75 -6.69 -2.17
N HIS A 164 9.30 -5.58 -2.72
CA HIS A 164 8.36 -5.63 -3.86
C HIS A 164 8.99 -6.18 -5.13
N ARG A 165 10.26 -5.84 -5.37
CA ARG A 165 11.02 -6.44 -6.48
C ARG A 165 11.11 -7.96 -6.33
N GLU A 166 11.30 -8.42 -5.11
CA GLU A 166 11.67 -9.81 -4.87
C GLU A 166 10.48 -10.71 -4.61
N THR A 167 9.35 -10.12 -4.23
CA THR A 167 8.19 -10.94 -3.86
C THR A 167 6.96 -10.54 -4.67
N THR A 168 6.39 -9.38 -4.38
CA THR A 168 5.21 -8.90 -5.11
C THR A 168 5.36 -9.03 -6.65
N ALA A 169 6.48 -8.54 -7.18
CA ALA A 169 6.69 -8.54 -8.62
C ALA A 169 6.91 -9.94 -9.19
N GLU A 170 7.67 -10.77 -8.46
CA GLU A 170 7.89 -12.14 -8.89
C GLU A 170 6.61 -12.96 -8.88
N GLU A 171 5.75 -12.68 -7.92
CA GLU A 171 4.44 -13.36 -7.84
C GLU A 171 3.59 -13.03 -9.05
N ILE A 172 3.56 -11.75 -9.43
CA ILE A 172 2.82 -11.30 -10.61
C ILE A 172 3.39 -11.96 -11.88
N TRP A 173 4.72 -11.94 -11.98
CA TRP A 173 5.43 -12.55 -13.11
C TRP A 173 5.12 -14.02 -13.26
N ALA A 174 5.26 -14.78 -12.18
CA ALA A 174 4.93 -16.21 -12.18
C ALA A 174 3.45 -16.48 -12.47
N ASP A 175 2.57 -15.77 -11.77
CA ASP A 175 1.13 -16.08 -11.81
C ASP A 175 0.49 -15.72 -13.14
N THR A 176 1.13 -14.83 -13.90
CA THR A 176 0.64 -14.46 -15.22
C THR A 176 1.48 -15.12 -16.32
N ASP A 177 2.35 -16.06 -15.94
CA ASP A 177 3.24 -16.80 -16.88
C ASP A 177 4.00 -15.83 -17.78
N GLY A 178 4.37 -14.69 -17.21
CA GLY A 178 5.14 -13.67 -17.91
C GLY A 178 4.38 -12.88 -18.94
N LEU A 179 3.05 -12.87 -18.84
CA LEU A 179 2.22 -12.23 -19.85
C LEU A 179 1.51 -10.95 -19.42
N VAL A 180 1.71 -10.54 -18.17
CA VAL A 180 1.14 -9.29 -17.69
C VAL A 180 1.62 -8.14 -18.58
N ASP A 181 0.70 -7.27 -18.96
CA ASP A 181 0.98 -6.16 -19.85
C ASP A 181 1.03 -4.83 -19.10
N ILE A 182 0.22 -4.71 -18.05
CA ILE A 182 0.07 -3.45 -17.35
C ILE A 182 -0.15 -3.76 -15.87
N VAL A 183 0.55 -3.06 -14.97
CA VAL A 183 0.17 -3.05 -13.54
C VAL A 183 -0.24 -1.65 -13.15
N ILE A 184 -1.34 -1.57 -12.39
CA ILE A 184 -1.92 -0.32 -11.94
C ILE A 184 -1.81 -0.35 -10.44
N GLY A 185 -1.24 0.71 -9.85
CA GLY A 185 -1.14 0.77 -8.40
C GLY A 185 -1.17 2.17 -7.87
N GLY A 186 -2.02 2.41 -6.86
CA GLY A 186 -1.98 3.66 -6.11
C GLY A 186 -0.61 3.81 -5.47
N VAL A 187 -0.20 5.06 -5.27
CA VAL A 187 1.09 5.35 -4.65
C VAL A 187 0.91 5.96 -3.26
N GLY A 188 1.45 5.28 -2.24
CA GLY A 188 1.52 5.81 -0.87
C GLY A 188 2.97 6.13 -0.61
N THR A 189 3.75 5.09 -0.33
CA THR A 189 5.21 5.21 -0.32
C THR A 189 5.78 5.12 -1.73
N GLY A 190 5.05 4.49 -2.65
CA GLY A 190 5.56 4.24 -3.99
C GLY A 190 6.32 2.95 -4.18
N GLY A 191 6.53 2.21 -3.09
CA GLY A 191 7.39 1.02 -3.13
C GLY A 191 6.79 -0.07 -4.02
N THR A 192 5.47 -0.24 -3.94
CA THR A 192 4.79 -1.31 -4.69
C THR A 192 4.99 -1.13 -6.19
N ILE A 193 4.56 0.00 -6.72
CA ILE A 193 4.58 0.19 -8.17
C ILE A 193 6.06 0.30 -8.64
N THR A 194 6.93 0.91 -7.83
CA THR A 194 8.35 1.03 -8.20
C THR A 194 9.04 -0.32 -8.30
N GLY A 195 8.90 -1.15 -7.26
CA GLY A 195 9.50 -2.48 -7.25
C GLY A 195 8.97 -3.36 -8.37
N ILE A 196 7.67 -3.28 -8.62
CA ILE A 196 7.08 -4.01 -9.75
C ILE A 196 7.71 -3.59 -11.10
N ALA A 197 7.76 -2.29 -11.38
CA ALA A 197 8.36 -1.77 -12.61
C ALA A 197 9.84 -2.19 -12.74
N GLU A 198 10.60 -2.06 -11.64
CA GLU A 198 12.02 -2.46 -11.64
C GLU A 198 12.26 -3.91 -12.04
N THR A 199 11.44 -4.82 -11.51
CA THR A 199 11.62 -6.24 -11.80
C THR A 199 11.11 -6.63 -13.18
N ILE A 200 9.95 -6.09 -13.57
CA ILE A 200 9.27 -6.61 -14.75
C ILE A 200 9.75 -5.94 -16.05
N LYS A 201 10.02 -4.64 -16.00
CA LYS A 201 10.40 -3.95 -17.26
C LYS A 201 11.60 -4.60 -17.99
N PRO A 202 12.63 -5.05 -17.24
CA PRO A 202 13.76 -5.71 -17.93
C PRO A 202 13.36 -7.00 -18.66
N ARG A 203 12.26 -7.62 -18.26
CA ARG A 203 11.80 -8.89 -18.82
C ARG A 203 10.75 -8.73 -19.89
N ARG A 204 10.20 -7.52 -20.00
CA ARG A 204 9.04 -7.27 -20.85
C ARG A 204 9.03 -5.79 -21.20
N PRO A 205 9.81 -5.42 -22.24
CA PRO A 205 10.04 -4.03 -22.63
C PRO A 205 8.76 -3.19 -22.80
N GLN A 206 7.70 -3.80 -23.32
CA GLN A 206 6.43 -3.10 -23.57
C GLN A 206 5.50 -2.99 -22.33
N PHE A 207 5.90 -3.62 -21.24
CA PHE A 207 5.15 -3.58 -19.99
C PHE A 207 4.94 -2.14 -19.53
N GLN A 208 3.74 -1.84 -19.00
CA GLN A 208 3.43 -0.52 -18.48
C GLN A 208 3.22 -0.54 -16.97
N ALA A 209 3.84 0.40 -16.27
CA ALA A 209 3.61 0.57 -14.84
C ALA A 209 2.91 1.90 -14.67
N ILE A 210 1.71 1.87 -14.10
CA ILE A 210 0.88 3.06 -14.00
C ILE A 210 0.56 3.38 -12.54
N ALA A 211 0.86 4.61 -12.16
CA ALA A 211 0.66 5.08 -10.79
C ALA A 211 -0.69 5.77 -10.64
N VAL A 212 -1.30 5.66 -9.46
CA VAL A 212 -2.58 6.28 -9.21
C VAL A 212 -2.45 7.24 -8.01
N GLU A 213 -3.07 8.41 -8.15
CA GLU A 213 -3.04 9.39 -7.07
C GLU A 213 -4.37 10.16 -7.00
N PRO A 214 -4.65 10.79 -5.85
CA PRO A 214 -5.92 11.51 -5.74
C PRO A 214 -5.88 12.78 -6.59
N SER A 215 -6.99 13.07 -7.26
CA SER A 215 -7.08 14.31 -8.04
C SER A 215 -6.99 15.57 -7.15
N ASN A 216 -7.33 15.44 -5.86
CA ASN A 216 -7.22 16.54 -4.91
C ASN A 216 -5.78 16.75 -4.38
N SER A 217 -4.86 15.85 -4.70
CA SER A 217 -3.48 15.97 -4.24
C SER A 217 -2.52 15.38 -5.26
N PRO A 218 -2.55 15.95 -6.49
CA PRO A 218 -1.84 15.35 -7.62
C PRO A 218 -0.35 15.70 -7.70
N VAL A 219 0.39 15.36 -6.65
CA VAL A 219 1.80 15.75 -6.57
C VAL A 219 2.71 14.99 -7.55
N LEU A 220 2.37 13.73 -7.84
CA LEU A 220 3.18 12.97 -8.82
C LEU A 220 2.99 13.55 -10.23
N SER A 221 1.85 14.19 -10.43
CA SER A 221 1.50 14.78 -11.72
C SER A 221 2.09 16.19 -11.89
N GLY A 222 2.76 16.69 -10.85
CA GLY A 222 3.34 18.02 -10.88
C GLY A 222 2.48 19.09 -10.23
N GLY A 223 1.35 18.68 -9.64
CA GLY A 223 0.42 19.60 -8.98
C GLY A 223 0.70 19.84 -7.51
N GLN A 224 -0.19 20.57 -6.84
CA GLN A 224 0.00 20.93 -5.43
C GLN A 224 -0.77 19.98 -4.49
N PRO A 225 -0.22 19.73 -3.29
CA PRO A 225 -0.91 18.85 -2.30
C PRO A 225 -2.20 19.44 -1.77
N GLY A 226 -3.16 18.57 -1.46
CA GLY A 226 -4.42 18.99 -0.86
C GLY A 226 -5.05 17.84 -0.08
N PRO A 227 -6.09 18.14 0.72
CA PRO A 227 -6.77 17.09 1.49
C PRO A 227 -7.69 16.21 0.63
N HIS A 228 -7.81 14.95 1.01
CA HIS A 228 -8.55 13.96 0.23
C HIS A 228 -8.88 12.78 1.11
N LYS A 229 -9.77 11.93 0.64
CA LYS A 229 -10.31 10.85 1.47
C LYS A 229 -9.80 9.45 1.08
N ILE A 230 -8.88 9.37 0.13
CA ILE A 230 -8.36 8.06 -0.28
C ILE A 230 -7.23 7.60 0.65
N GLN A 231 -7.61 7.09 1.83
CA GLN A 231 -6.65 6.66 2.85
C GLN A 231 -5.63 5.68 2.31
N GLY A 232 -4.37 5.93 2.63
CA GLY A 232 -3.28 5.08 2.19
C GLY A 232 -2.52 5.55 0.96
N ILE A 233 -3.14 6.39 0.12
CA ILE A 233 -2.40 7.03 -0.98
C ILE A 233 -2.35 8.56 -0.83
N GLY A 234 -1.55 9.23 -1.67
CA GLY A 234 -1.54 10.69 -1.71
C GLY A 234 -0.93 11.30 -0.45
N ALA A 235 0.36 11.04 -0.25
CA ALA A 235 1.09 11.51 0.93
C ALA A 235 1.27 13.02 0.98
N GLY A 236 1.17 13.67 -0.19
CA GLY A 236 1.28 15.14 -0.28
C GLY A 236 2.67 15.57 -0.67
N PHE A 237 3.52 14.60 -0.98
CA PHE A 237 4.86 14.84 -1.48
C PHE A 237 5.28 13.64 -2.31
N ILE A 238 6.36 13.78 -3.06
CA ILE A 238 6.89 12.66 -3.84
C ILE A 238 7.86 11.89 -2.97
N PRO A 239 7.54 10.61 -2.64
CA PRO A 239 8.44 9.86 -1.77
C PRO A 239 9.79 9.61 -2.44
N ALA A 240 10.85 9.57 -1.62
CA ALA A 240 12.21 9.36 -2.14
C ALA A 240 12.34 8.03 -2.85
N ILE A 241 11.58 7.02 -2.40
CA ILE A 241 11.70 5.72 -3.04
C ILE A 241 11.03 5.67 -4.42
N PHE A 242 10.12 6.58 -4.69
CA PHE A 242 9.36 6.56 -5.95
C PHE A 242 10.28 6.94 -7.10
N ARG A 243 10.26 6.16 -8.18
CA ARG A 243 11.13 6.41 -9.34
C ARG A 243 10.27 6.78 -10.55
N PRO A 244 10.03 8.09 -10.78
CA PRO A 244 9.15 8.53 -11.87
C PRO A 244 9.63 8.05 -13.25
N GLU A 245 10.94 7.85 -13.43
CA GLU A 245 11.47 7.40 -14.71
C GLU A 245 11.02 5.99 -15.12
N LEU A 246 10.61 5.18 -14.14
CA LEU A 246 10.11 3.82 -14.37
C LEU A 246 8.60 3.71 -14.59
N ILE A 247 7.88 4.80 -14.35
CA ILE A 247 6.43 4.83 -14.40
C ILE A 247 5.96 5.47 -15.69
N ASP A 248 5.11 4.77 -16.43
CA ASP A 248 4.65 5.25 -17.74
C ASP A 248 3.72 6.45 -17.65
N GLU A 249 2.87 6.48 -16.63
CA GLU A 249 1.87 7.53 -16.50
C GLU A 249 1.24 7.54 -15.12
N VAL A 250 0.70 8.70 -14.75
CA VAL A 250 0.00 8.86 -13.48
C VAL A 250 -1.44 9.16 -13.83
N ILE A 251 -2.34 8.41 -13.20
CA ILE A 251 -3.77 8.64 -13.36
C ILE A 251 -4.31 9.25 -12.09
N ILE A 252 -5.01 10.37 -12.22
CA ILE A 252 -5.60 11.04 -11.05
C ILE A 252 -7.04 10.56 -10.87
N VAL A 253 -7.47 10.43 -9.61
CA VAL A 253 -8.77 9.84 -9.33
C VAL A 253 -9.53 10.69 -8.31
N ASP A 254 -10.80 10.93 -8.57
CA ASP A 254 -11.63 11.68 -7.62
C ASP A 254 -12.02 10.81 -6.44
N ASP A 255 -12.20 11.42 -5.27
CA ASP A 255 -12.63 10.70 -4.07
C ASP A 255 -13.92 9.92 -4.34
N THR A 256 -14.87 10.56 -5.00
CA THR A 256 -16.17 9.93 -5.27
C THR A 256 -16.07 8.64 -6.07
N GLU A 257 -15.17 8.60 -7.06
CA GLU A 257 -14.99 7.41 -7.88
C GLU A 257 -14.30 6.29 -7.10
N ALA A 258 -13.32 6.64 -6.26
CA ALA A 258 -12.66 5.65 -5.41
C ALA A 258 -13.69 4.97 -4.51
N PHE A 259 -14.52 5.77 -3.85
CA PHE A 259 -15.56 5.23 -2.96
C PHE A 259 -16.55 4.34 -3.71
N ALA A 260 -17.04 4.84 -4.85
CA ALA A 260 -18.00 4.10 -5.69
C ALA A 260 -17.50 2.72 -6.15
N TYR A 261 -16.28 2.68 -6.68
CA TYR A 261 -15.72 1.42 -7.15
C TYR A 261 -15.29 0.45 -6.04
N ALA A 262 -14.91 0.98 -4.88
CA ALA A 262 -14.61 0.10 -3.73
C ALA A 262 -15.90 -0.57 -3.24
N ARG A 263 -16.98 0.19 -3.20
CA ARG A 263 -18.29 -0.39 -2.84
C ARG A 263 -18.70 -1.50 -3.82
N ARG A 264 -18.54 -1.25 -5.13
CA ARG A 264 -18.86 -2.25 -6.14
C ARG A 264 -17.97 -3.50 -6.02
N LEU A 265 -16.69 -3.29 -5.69
CA LEU A 265 -15.81 -4.44 -5.45
C LEU A 265 -16.42 -5.38 -4.41
N ALA A 266 -16.86 -4.83 -3.29
CA ALA A 266 -17.46 -5.66 -2.24
C ALA A 266 -18.78 -6.32 -2.69
N ARG A 267 -19.66 -5.52 -3.28
CA ARG A 267 -21.05 -5.96 -3.49
C ARG A 267 -21.32 -6.72 -4.79
N GLN A 268 -20.50 -6.46 -5.78
CA GLN A 268 -20.65 -7.08 -7.07
C GLN A 268 -19.59 -8.10 -7.41
N GLU A 269 -18.47 -8.06 -6.71
CA GLU A 269 -17.42 -9.08 -6.90
C GLU A 269 -17.16 -9.94 -5.64
N GLY A 270 -17.72 -9.56 -4.49
CA GLY A 270 -17.40 -10.27 -3.25
C GLY A 270 -15.95 -10.04 -2.81
N LEU A 271 -15.38 -8.88 -3.20
CA LEU A 271 -13.99 -8.53 -2.85
C LEU A 271 -14.04 -7.31 -1.95
N LEU A 272 -14.25 -7.55 -0.65
CA LEU A 272 -14.34 -6.42 0.28
C LEU A 272 -12.99 -5.71 0.37
N SER A 273 -12.97 -4.42 0.04
CA SER A 273 -11.72 -3.71 -0.27
C SER A 273 -11.65 -2.33 0.37
N GLY A 274 -10.42 -1.88 0.65
CA GLY A 274 -10.18 -0.50 1.11
C GLY A 274 -10.52 0.56 0.05
N ILE A 275 -10.53 1.81 0.44
CA ILE A 275 -10.86 2.92 -0.48
C ILE A 275 -9.86 3.03 -1.64
N SER A 276 -8.57 2.87 -1.35
CA SER A 276 -7.56 2.97 -2.40
C SER A 276 -7.67 1.89 -3.49
N ALA A 277 -8.16 0.70 -3.13
CA ALA A 277 -8.45 -0.32 -4.14
C ALA A 277 -9.51 0.15 -5.14
N GLY A 278 -10.47 0.93 -4.64
CA GLY A 278 -11.47 1.56 -5.50
C GLY A 278 -10.86 2.51 -6.51
N ALA A 279 -9.89 3.31 -6.05
CA ALA A 279 -9.17 4.25 -6.91
C ALA A 279 -8.38 3.52 -8.00
N ALA A 280 -7.71 2.44 -7.60
CA ALA A 280 -6.97 1.63 -8.54
C ALA A 280 -7.90 1.01 -9.59
N LEU A 281 -9.07 0.57 -9.16
CA LEU A 281 -10.02 -0.05 -10.11
C LEU A 281 -10.56 0.98 -11.09
N TRP A 282 -10.98 2.15 -10.59
CA TRP A 282 -11.43 3.20 -11.49
C TRP A 282 -10.41 3.48 -12.54
N ALA A 283 -9.14 3.64 -12.12
CA ALA A 283 -8.03 3.81 -13.06
C ALA A 283 -7.90 2.66 -14.06
N ALA A 284 -7.96 1.42 -13.55
CA ALA A 284 -7.78 0.24 -14.41
C ALA A 284 -8.90 0.16 -15.45
N ILE A 285 -10.11 0.54 -15.03
CA ILE A 285 -11.25 0.65 -15.97
C ILE A 285 -10.92 1.65 -17.10
N GLN A 286 -10.47 2.85 -16.73
CA GLN A 286 -10.11 3.86 -17.75
C GLN A 286 -9.06 3.33 -18.72
N VAL A 287 -7.97 2.78 -18.18
CA VAL A 287 -6.92 2.20 -19.01
C VAL A 287 -7.44 1.05 -19.87
N GLY A 288 -8.26 0.20 -19.28
CA GLY A 288 -8.74 -1.00 -19.97
C GLY A 288 -9.72 -0.71 -21.10
N LYS A 289 -10.28 0.50 -21.11
CA LYS A 289 -11.21 0.92 -22.17
C LYS A 289 -10.51 1.51 -23.39
N ARG A 290 -9.23 1.83 -23.26
CA ARG A 290 -8.45 2.35 -24.39
C ARG A 290 -8.36 1.30 -25.51
N PRO A 291 -8.65 1.71 -26.77
CA PRO A 291 -8.66 0.75 -27.87
C PRO A 291 -7.35 -0.01 -28.02
N GLU A 292 -6.22 0.65 -27.78
CA GLU A 292 -4.91 0.00 -27.90
C GLU A 292 -4.67 -1.09 -26.83
N ASN A 293 -5.51 -1.10 -25.79
CA ASN A 293 -5.35 -2.08 -24.69
C ASN A 293 -6.31 -3.27 -24.74
N GLU A 294 -7.03 -3.40 -25.86
CA GLU A 294 -7.91 -4.54 -26.08
C GLU A 294 -7.15 -5.84 -25.90
N ASP A 295 -7.73 -6.76 -25.13
CA ASP A 295 -7.09 -8.05 -24.82
C ASP A 295 -5.73 -7.99 -24.10
N LYS A 296 -5.33 -6.82 -23.61
CA LYS A 296 -4.15 -6.78 -22.75
C LYS A 296 -4.51 -7.28 -21.35
N LEU A 297 -3.53 -7.82 -20.64
CA LEU A 297 -3.74 -8.30 -19.29
C LEU A 297 -3.31 -7.23 -18.31
N ILE A 298 -4.28 -6.68 -17.57
CA ILE A 298 -4.03 -5.62 -16.61
C ILE A 298 -4.16 -6.21 -15.20
N VAL A 299 -3.11 -6.11 -14.40
CA VAL A 299 -3.19 -6.47 -12.98
C VAL A 299 -3.30 -5.19 -12.16
N MET A 300 -4.36 -5.04 -11.35
CA MET A 300 -4.40 -3.93 -10.38
C MET A 300 -4.06 -4.43 -8.99
N ILE A 301 -3.41 -3.58 -8.21
CA ILE A 301 -3.14 -3.94 -6.81
C ILE A 301 -4.32 -3.50 -5.93
N GLN A 302 -4.86 -4.44 -5.16
CA GLN A 302 -5.81 -4.14 -4.08
C GLN A 302 -4.98 -4.06 -2.79
N PRO A 303 -4.72 -2.83 -2.28
CA PRO A 303 -3.80 -2.71 -1.15
C PRO A 303 -4.30 -3.24 0.17
N SER A 304 -5.61 -3.15 0.43
CA SER A 304 -6.11 -3.49 1.76
C SER A 304 -7.50 -4.13 1.75
N PHE A 305 -7.78 -4.90 2.80
CA PHE A 305 -9.12 -5.45 3.06
C PHE A 305 -10.06 -4.37 3.60
N GLY A 306 -11.35 -4.45 3.28
CA GLY A 306 -12.31 -3.39 3.63
C GLY A 306 -12.85 -3.36 5.05
N GLU A 307 -12.61 -4.42 5.84
CA GLU A 307 -13.05 -4.41 7.23
C GLU A 307 -12.49 -3.23 8.03
N ARG A 308 -11.30 -2.79 7.67
CA ARG A 308 -10.64 -1.64 8.32
C ARG A 308 -11.33 -0.28 8.04
N TYR A 309 -12.38 -0.31 7.22
CA TYR A 309 -12.98 0.91 6.69
C TYR A 309 -14.48 1.01 6.95
N LEU A 310 -15.01 0.10 7.76
CA LEU A 310 -16.45 0.05 8.00
C LEU A 310 -16.98 1.30 8.70
N SER A 311 -16.15 1.92 9.54
CA SER A 311 -16.53 3.13 10.28
C SER A 311 -16.49 4.40 9.41
N THR A 312 -15.83 4.31 8.25
CA THR A 312 -15.68 5.46 7.35
C THR A 312 -16.92 5.68 6.47
N ALA A 313 -16.90 6.74 5.67
CA ALA A 313 -18.00 7.03 4.75
C ALA A 313 -18.16 5.96 3.67
N LEU A 314 -17.17 5.09 3.53
CA LEU A 314 -17.26 4.01 2.54
C LEU A 314 -18.51 3.17 2.76
N PHE A 315 -18.80 2.85 4.01
CA PHE A 315 -19.89 1.92 4.34
C PHE A 315 -20.81 2.41 5.46
N LYS A 316 -20.34 3.32 6.30
CA LYS A 316 -21.13 3.77 7.44
C LYS A 316 -22.41 4.44 6.94
N ASP A 317 -23.55 3.86 7.32
CA ASP A 317 -24.89 4.26 6.85
C ASP A 317 -25.11 3.93 5.37
N CYS B . -0.13 4.49 3.45
CA CYS B . 1.18 4.22 4.10
C CYS B . 1.06 3.74 5.50
O CYS B . 1.65 4.36 6.46
CB CYS B . 2.05 5.42 4.08
SG CYS B . 1.38 6.94 4.60
OXT CYS B . 0.37 2.68 5.74
N CYS C . -1.15 7.57 2.17
CA CYS C . -1.46 8.41 3.27
C CYS C . -2.79 9.13 3.22
O CYS C . -2.87 10.30 3.66
CB CYS C . -0.27 9.28 3.18
SG CYS C . 1.10 8.15 3.01
OXT CYS C . -3.79 8.58 2.76
N1 PLP D . -3.30 1.88 -0.16
C2 PLP D . -3.24 1.61 1.16
C2A PLP D . -4.51 1.43 1.96
C3 PLP D . -1.91 1.50 1.81
O3 PLP D . -1.84 1.24 3.13
C4 PLP D . -0.72 1.69 0.93
C4A PLP D . 0.65 1.62 1.39
C5 PLP D . -0.93 1.98 -0.51
C6 PLP D . -2.23 2.06 -0.97
C5A PLP D . 0.21 2.24 -1.47
O4P PLP D . 1.27 1.28 -1.46
P PLP D . 2.78 1.82 -1.56
O1P PLP D . 3.07 2.46 -0.22
O2P PLP D . 2.73 2.86 -2.66
O3P PLP D . 3.65 0.63 -1.91
#